data_4XGX
#
_entry.id   4XGX
#
_cell.length_a   54.583
_cell.length_b   56.981
_cell.length_c   224.766
_cell.angle_alpha   90.000
_cell.angle_beta   90.000
_cell.angle_gamma   90.000
#
_symmetry.space_group_name_H-M   'P 21 21 21'
#
loop_
_entity.id
_entity.type
_entity.pdbx_description
1 polymer 'FAD:protein FMN transferase'
2 non-polymer 'MAGNESIUM ION'
3 non-polymer "ADENOSINE-5'-DIPHOSPHATE"
4 non-polymer 'NITRATE ION'
5 non-polymer 1,2-ETHANEDIOL
6 water water
#
_entity_poly.entity_id   1
_entity_poly.type   'polypeptide(L)'
_entity_poly.pdbx_seq_one_letter_code
;MDQKPQPAKTHATEVTVLEGKTMGTFWRASIPGIDAKRSAELKEKIQTQLDADDQLLSTNKKDSALMRFNDSQSLSPWPV
SEAMADIVTTSLRIGAKTDGAMDITVGPLVNLWGFGPEQQPVQIPSQEQIDAMKAKTGLQHLTVINQSHQQYLQKDLPDL
YVDLSTVGEGYAADHLARLMEQEGISRYLVSVGGALNSRGMNGEGLPWRVAIQKPTDKENAVQAVVDINGHGISTSGSYR
NYYELDGKRLSHVIDPQTGRPIEHNLVSVTVIAPTALEADAWDTGLMVLGPEKAKEVVRREGLAVYMITKEGDSFKTWMS
PQFKSFLVSEKNLEHHHHHH
;
_entity_poly.pdbx_strand_id   A,B
#
# COMPACT_ATOMS: atom_id res chain seq x y z
N THR A 13 -15.74 -28.20 -4.90
CA THR A 13 -14.74 -27.14 -4.89
C THR A 13 -13.52 -27.52 -5.72
N GLU A 14 -13.53 -27.11 -6.98
CA GLU A 14 -12.45 -27.45 -7.92
C GLU A 14 -11.56 -26.22 -8.16
N VAL A 15 -10.27 -26.46 -8.40
CA VAL A 15 -9.31 -25.38 -8.52
C VAL A 15 -8.66 -25.33 -9.90
N THR A 16 -8.91 -24.26 -10.63
CA THR A 16 -8.19 -23.98 -11.87
C THR A 16 -6.78 -23.49 -11.56
N VAL A 17 -5.79 -24.08 -12.20
CA VAL A 17 -4.41 -23.65 -12.06
C VAL A 17 -3.89 -23.14 -13.39
N LEU A 18 -3.52 -21.86 -13.43
CA LEU A 18 -2.98 -21.24 -14.64
C LEU A 18 -1.48 -21.02 -14.49
N GLU A 19 -0.77 -21.00 -15.62
CA GLU A 19 0.67 -20.83 -15.60
C GLU A 19 1.17 -20.22 -16.90
N GLY A 20 2.21 -19.41 -16.79
CA GLY A 20 2.79 -18.74 -17.94
C GLY A 20 4.18 -18.22 -17.62
N LYS A 21 4.77 -17.52 -18.58
CA LYS A 21 6.09 -16.95 -18.44
C LYS A 21 6.00 -15.44 -18.33
N THR A 22 6.88 -14.86 -17.51
CA THR A 22 7.00 -13.43 -17.42
C THR A 22 8.30 -13.07 -16.71
N MET A 23 8.90 -11.95 -17.11
CA MET A 23 10.09 -11.43 -16.44
C MET A 23 11.22 -12.45 -16.28
N GLY A 24 11.37 -13.34 -17.26
CA GLY A 24 12.43 -14.32 -17.23
C GLY A 24 12.16 -15.46 -16.26
N THR A 25 10.96 -15.49 -15.70
CA THR A 25 10.60 -16.51 -14.72
C THR A 25 9.19 -16.98 -15.06
N PHE A 26 8.46 -17.52 -14.09
CA PHE A 26 7.12 -18.04 -14.35
C PHE A 26 6.11 -17.48 -13.37
N TRP A 27 4.88 -17.31 -13.85
CA TRP A 27 3.77 -16.92 -13.00
C TRP A 27 2.80 -18.07 -12.87
N ARG A 28 2.09 -18.08 -11.75
CA ARG A 28 1.14 -19.14 -11.44
C ARG A 28 -0.08 -18.52 -10.79
N ALA A 29 -1.26 -19.09 -11.05
CA ALA A 29 -2.50 -18.63 -10.43
C ALA A 29 -3.42 -19.81 -10.17
N SER A 30 -3.79 -19.98 -8.89
CA SER A 30 -4.75 -20.99 -8.48
C SER A 30 -6.07 -20.31 -8.13
N ILE A 31 -7.13 -20.68 -8.84
CA ILE A 31 -8.44 -20.06 -8.63
C ILE A 31 -9.51 -21.13 -8.43
N PRO A 32 -10.13 -21.16 -7.23
CA PRO A 32 -11.18 -22.15 -7.01
C PRO A 32 -12.45 -21.92 -7.82
N GLY A 33 -12.88 -22.95 -8.54
CA GLY A 33 -14.22 -23.04 -9.08
C GLY A 33 -14.62 -21.99 -10.11
N ILE A 34 -14.12 -22.15 -11.32
CA ILE A 34 -14.60 -21.35 -12.46
C ILE A 34 -14.53 -22.18 -13.73
N ASP A 35 -15.44 -21.90 -14.66
CA ASP A 35 -15.53 -22.65 -15.91
C ASP A 35 -14.41 -22.27 -16.88
N ALA A 36 -14.25 -23.08 -17.93
CA ALA A 36 -13.15 -22.95 -18.87
C ALA A 36 -13.14 -21.61 -19.60
N LYS A 37 -14.32 -21.03 -19.82
CA LYS A 37 -14.41 -19.75 -20.49
C LYS A 37 -13.78 -18.67 -19.63
N ARG A 38 -14.00 -18.78 -18.32
CA ARG A 38 -13.45 -17.84 -17.36
C ARG A 38 -11.94 -18.01 -17.29
N SER A 39 -11.51 -19.24 -17.02
CA SER A 39 -10.09 -19.60 -16.96
C SER A 39 -9.35 -19.11 -18.18
N ALA A 40 -10.01 -19.17 -19.34
CA ALA A 40 -9.42 -18.75 -20.60
C ALA A 40 -9.29 -17.24 -20.67
N GLU A 41 -10.35 -16.53 -20.34
CA GLU A 41 -10.34 -15.06 -20.36
C GLU A 41 -9.33 -14.51 -19.37
N LEU A 42 -9.27 -15.12 -18.19
CA LEU A 42 -8.37 -14.67 -17.14
C LEU A 42 -6.91 -14.83 -17.55
N LYS A 43 -6.57 -15.97 -18.11
CA LYS A 43 -5.21 -16.23 -18.55
C LYS A 43 -4.77 -15.14 -19.52
N GLU A 44 -5.67 -14.76 -20.43
CA GLU A 44 -5.39 -13.72 -21.39
C GLU A 44 -5.14 -12.38 -20.70
N LYS A 45 -5.99 -12.06 -19.74
CA LYS A 45 -5.88 -10.79 -19.04
C LYS A 45 -4.64 -10.77 -18.15
N ILE A 46 -4.40 -11.87 -17.44
CA ILE A 46 -3.22 -12.02 -16.61
C ILE A 46 -1.94 -11.84 -17.45
N GLN A 47 -1.84 -12.58 -18.55
CA GLN A 47 -0.66 -12.49 -19.40
C GLN A 47 -0.52 -11.10 -20.00
N THR A 48 -1.64 -10.48 -20.36
CA THR A 48 -1.61 -9.15 -20.94
C THR A 48 -1.07 -8.13 -19.93
N GLN A 49 -1.49 -8.27 -18.68
CA GLN A 49 -1.08 -7.35 -17.63
C GLN A 49 0.39 -7.58 -17.27
N LEU A 50 0.79 -8.84 -17.14
CA LEU A 50 2.18 -9.15 -16.83
C LEU A 50 3.09 -8.69 -17.96
N ASP A 51 2.63 -8.80 -19.20
CA ASP A 51 3.40 -8.31 -20.35
C ASP A 51 3.60 -6.80 -20.24
N ALA A 52 2.55 -6.08 -19.84
CA ALA A 52 2.64 -4.65 -19.70
C ALA A 52 3.56 -4.26 -18.54
N ASP A 53 3.50 -5.03 -17.45
CA ASP A 53 4.39 -4.79 -16.31
C ASP A 53 5.84 -5.04 -16.71
N ASP A 54 6.05 -6.03 -17.58
CA ASP A 54 7.40 -6.32 -18.06
C ASP A 54 7.87 -5.17 -18.96
N GLN A 55 6.96 -4.68 -19.80
CA GLN A 55 7.28 -3.55 -20.66
C GLN A 55 7.55 -2.29 -19.83
N LEU A 56 6.95 -2.23 -18.65
CA LEU A 56 7.21 -1.13 -17.73
C LEU A 56 8.58 -1.23 -17.07
N LEU A 57 8.93 -2.42 -16.60
CA LEU A 57 10.01 -2.56 -15.61
C LEU A 57 11.30 -3.22 -16.10
N SER A 58 11.24 -3.92 -17.23
CA SER A 58 12.36 -4.78 -17.62
C SER A 58 13.63 -4.02 -17.97
N THR A 59 14.76 -4.50 -17.46
CA THR A 59 16.07 -3.96 -17.82
C THR A 59 16.61 -4.63 -19.08
N ASN A 60 15.96 -5.73 -19.48
CA ASN A 60 16.32 -6.42 -20.71
C ASN A 60 15.82 -5.66 -21.94
N LYS A 61 14.51 -5.47 -22.01
CA LYS A 61 13.90 -4.73 -23.11
C LYS A 61 14.49 -3.33 -23.20
N LYS A 62 15.23 -3.09 -24.28
CA LYS A 62 15.94 -1.81 -24.45
C LYS A 62 14.99 -0.62 -24.42
N ASP A 63 13.72 -0.86 -24.69
CA ASP A 63 12.72 0.19 -24.83
C ASP A 63 11.71 0.24 -23.68
N SER A 64 11.98 -0.51 -22.61
CA SER A 64 11.08 -0.49 -21.45
C SER A 64 10.99 0.92 -20.88
N ALA A 65 9.95 1.21 -20.09
CA ALA A 65 9.84 2.52 -19.48
C ALA A 65 11.08 2.80 -18.64
N LEU A 66 11.55 1.78 -17.93
CA LEU A 66 12.70 1.93 -17.04
C LEU A 66 13.97 2.16 -17.84
N MET A 67 14.15 1.43 -18.93
CA MET A 67 15.36 1.56 -19.74
C MET A 67 15.40 2.92 -20.45
N ARG A 68 14.24 3.45 -20.81
CA ARG A 68 14.19 4.79 -21.37
C ARG A 68 14.69 5.84 -20.38
N PHE A 69 14.37 5.68 -19.10
CA PHE A 69 14.87 6.59 -18.07
C PHE A 69 16.38 6.39 -17.91
N ASN A 70 16.81 5.14 -17.89
CA ASN A 70 18.24 4.84 -17.76
C ASN A 70 19.03 5.41 -18.94
N ASP A 71 18.42 5.37 -20.13
CA ASP A 71 19.09 5.86 -21.33
C ASP A 71 19.23 7.38 -21.34
N SER A 72 18.32 8.07 -20.66
CA SER A 72 18.37 9.52 -20.61
C SER A 72 19.51 10.00 -19.72
N GLN A 73 20.09 11.14 -20.09
CA GLN A 73 21.12 11.78 -19.28
C GLN A 73 20.57 13.02 -18.57
N SER A 74 19.28 13.26 -18.76
CA SER A 74 18.59 14.39 -18.12
C SER A 74 18.57 14.31 -16.60
N LEU A 75 18.82 15.44 -15.95
CA LEU A 75 18.74 15.54 -14.50
C LEU A 75 17.44 16.21 -14.03
N SER A 76 16.51 16.37 -14.96
CA SER A 76 15.24 17.01 -14.66
C SER A 76 14.16 15.94 -14.51
N PRO A 77 13.02 16.30 -13.91
CA PRO A 77 11.99 15.28 -13.66
C PRO A 77 11.56 14.55 -14.93
N TRP A 78 11.45 13.22 -14.81
CA TRP A 78 11.13 12.34 -15.91
C TRP A 78 9.78 11.68 -15.65
N PRO A 79 8.77 11.94 -16.50
CA PRO A 79 7.44 11.43 -16.14
C PRO A 79 7.33 9.91 -16.18
N VAL A 80 6.71 9.35 -15.15
CA VAL A 80 6.46 7.92 -15.07
C VAL A 80 5.06 7.66 -14.56
N SER A 81 4.69 6.38 -14.57
CA SER A 81 3.39 5.97 -14.07
C SER A 81 3.35 5.95 -12.54
N GLU A 82 2.15 5.83 -12.00
CA GLU A 82 1.96 5.76 -10.55
C GLU A 82 2.65 4.53 -9.98
N ALA A 83 2.56 3.40 -10.69
CA ALA A 83 3.18 2.16 -10.22
C ALA A 83 4.68 2.33 -10.13
N MET A 84 5.26 2.95 -11.14
CA MET A 84 6.71 3.12 -11.22
C MET A 84 7.17 3.99 -10.06
N ALA A 85 6.47 5.08 -9.82
CA ALA A 85 6.78 5.97 -8.72
C ALA A 85 6.73 5.23 -7.38
N ASP A 86 5.71 4.42 -7.20
CA ASP A 86 5.51 3.73 -5.93
C ASP A 86 6.56 2.63 -5.72
N ILE A 87 6.87 1.88 -6.78
CA ILE A 87 7.89 0.85 -6.71
C ILE A 87 9.22 1.47 -6.29
N VAL A 88 9.57 2.57 -6.93
CA VAL A 88 10.82 3.23 -6.62
C VAL A 88 10.80 3.79 -5.21
N THR A 89 9.70 4.42 -4.81
CA THR A 89 9.62 4.98 -3.46
C THR A 89 9.84 3.89 -2.41
N THR A 90 9.15 2.77 -2.55
CA THR A 90 9.27 1.66 -1.63
C THR A 90 10.70 1.12 -1.62
N SER A 91 11.28 1.02 -2.81
CA SER A 91 12.65 0.52 -2.95
C SER A 91 13.66 1.43 -2.26
N LEU A 92 13.48 2.74 -2.42
CA LEU A 92 14.36 3.71 -1.78
C LEU A 92 14.28 3.63 -0.26
N ARG A 93 13.06 3.56 0.28
CA ARG A 93 12.89 3.51 1.73
C ARG A 93 13.41 2.21 2.35
N ILE A 94 13.10 1.08 1.74
CA ILE A 94 13.54 -0.19 2.30
C ILE A 94 15.06 -0.33 2.09
N GLY A 95 15.57 0.29 1.04
CA GLY A 95 16.99 0.44 0.87
C GLY A 95 17.62 1.14 2.08
N ALA A 96 17.07 2.28 2.46
CA ALA A 96 17.53 3.00 3.64
C ALA A 96 17.43 2.15 4.90
N LYS A 97 16.31 1.44 5.05
CA LYS A 97 16.04 0.71 6.28
C LYS A 97 16.86 -0.58 6.39
N THR A 98 17.53 -0.95 5.32
CA THR A 98 18.45 -2.09 5.34
C THR A 98 19.88 -1.60 5.14
N ASP A 99 20.14 -0.38 5.58
CA ASP A 99 21.48 0.19 5.57
C ASP A 99 22.11 0.14 4.18
N GLY A 100 21.28 0.32 3.17
CA GLY A 100 21.74 0.41 1.79
C GLY A 100 21.92 -0.94 1.13
N ALA A 101 21.56 -2.02 1.83
CA ALA A 101 21.78 -3.37 1.33
C ALA A 101 20.95 -3.66 0.09
N MET A 102 19.68 -3.28 0.15
CA MET A 102 18.78 -3.35 -1.00
C MET A 102 18.93 -2.07 -1.80
N ASP A 103 19.52 -2.17 -2.99
CA ASP A 103 19.99 -0.99 -3.72
C ASP A 103 19.68 -1.08 -5.21
N ILE A 104 18.61 -0.41 -5.64
CA ILE A 104 18.20 -0.47 -7.04
C ILE A 104 19.12 0.32 -7.97
N THR A 105 20.15 0.97 -7.43
CA THR A 105 21.11 1.70 -8.27
C THR A 105 22.42 0.93 -8.43
N VAL A 106 22.44 -0.33 -8.01
CA VAL A 106 23.69 -1.08 -7.92
C VAL A 106 24.10 -1.67 -9.27
N GLY A 107 23.32 -1.35 -10.30
CA GLY A 107 23.51 -1.91 -11.63
C GLY A 107 24.93 -1.87 -12.20
N PRO A 108 25.62 -0.73 -12.07
CA PRO A 108 26.99 -0.66 -12.58
C PRO A 108 27.92 -1.70 -11.98
N LEU A 109 27.78 -1.97 -10.69
CA LEU A 109 28.57 -3.01 -10.05
C LEU A 109 28.17 -4.40 -10.52
N VAL A 110 26.87 -4.60 -10.75
CA VAL A 110 26.37 -5.86 -11.29
C VAL A 110 27.00 -6.14 -12.64
N ASN A 111 26.97 -5.16 -13.53
CA ASN A 111 27.53 -5.32 -14.87
C ASN A 111 29.03 -5.59 -14.82
N LEU A 112 29.69 -4.95 -13.88
CA LEU A 112 31.12 -5.14 -13.67
C LEU A 112 31.45 -6.61 -13.39
N TRP A 113 30.55 -7.29 -12.69
CA TRP A 113 30.78 -8.67 -12.29
C TRP A 113 30.17 -9.67 -13.27
N GLY A 114 29.63 -9.18 -14.38
CA GLY A 114 28.96 -10.02 -15.35
C GLY A 114 29.88 -11.05 -15.98
N VAL A 122 33.82 -12.48 -17.97
CA VAL A 122 35.13 -11.92 -18.31
C VAL A 122 36.13 -12.22 -17.19
N GLN A 123 36.64 -11.19 -16.52
CA GLN A 123 37.58 -11.37 -15.41
C GLN A 123 37.05 -10.68 -14.15
N ILE A 124 37.46 -11.18 -13.00
CA ILE A 124 37.08 -10.59 -11.71
C ILE A 124 37.64 -9.18 -11.55
N PRO A 125 36.79 -8.21 -11.18
CA PRO A 125 37.34 -6.87 -11.00
C PRO A 125 38.15 -6.74 -9.72
N SER A 126 39.11 -5.82 -9.71
CA SER A 126 39.86 -5.51 -8.50
C SER A 126 39.01 -4.60 -7.60
N GLN A 127 39.42 -4.44 -6.35
CA GLN A 127 38.69 -3.55 -5.44
C GLN A 127 38.73 -2.12 -5.98
N GLU A 128 39.79 -1.79 -6.71
CA GLU A 128 39.93 -0.48 -7.34
C GLU A 128 38.85 -0.24 -8.38
N GLN A 129 38.65 -1.20 -9.27
CA GLN A 129 37.63 -1.09 -10.33
C GLN A 129 36.24 -1.00 -9.72
N ILE A 130 36.03 -1.78 -8.66
CA ILE A 130 34.80 -1.76 -7.90
C ILE A 130 34.53 -0.36 -7.36
N ASP A 131 35.50 0.18 -6.60
CA ASP A 131 35.37 1.50 -6.01
C ASP A 131 35.07 2.56 -7.07
N ALA A 132 35.61 2.35 -8.27
CA ALA A 132 35.35 3.26 -9.37
C ALA A 132 33.86 3.26 -9.72
N MET A 133 33.28 2.06 -9.85
CA MET A 133 31.88 1.94 -10.25
C MET A 133 30.92 2.33 -9.13
N LYS A 134 31.36 2.17 -7.87
CA LYS A 134 30.55 2.59 -6.73
C LYS A 134 30.12 4.04 -6.88
N ALA A 135 30.99 4.83 -7.48
CA ALA A 135 30.76 6.27 -7.65
C ALA A 135 29.56 6.56 -8.53
N LYS A 136 29.17 5.61 -9.37
CA LYS A 136 28.03 5.78 -10.26
C LYS A 136 26.73 5.26 -9.63
N THR A 137 26.78 5.02 -8.33
CA THR A 137 25.63 4.43 -7.63
C THR A 137 25.33 5.21 -6.37
N GLY A 138 24.18 4.90 -5.76
CA GLY A 138 23.76 5.57 -4.54
C GLY A 138 22.28 5.90 -4.55
N LEU A 139 21.57 5.44 -3.53
CA LEU A 139 20.14 5.69 -3.42
C LEU A 139 19.84 7.18 -3.23
N GLN A 140 20.82 7.93 -2.73
CA GLN A 140 20.65 9.37 -2.54
C GLN A 140 20.48 10.11 -3.86
N HIS A 141 20.83 9.46 -4.97
CA HIS A 141 20.80 10.12 -6.29
C HIS A 141 19.42 10.13 -6.92
N LEU A 142 18.46 9.46 -6.30
CA LEU A 142 17.15 9.24 -6.92
C LEU A 142 16.03 9.85 -6.08
N THR A 143 15.14 10.56 -6.76
CA THR A 143 13.99 11.23 -6.16
C THR A 143 12.71 10.87 -6.91
N VAL A 144 11.63 10.68 -6.15
CA VAL A 144 10.29 10.48 -6.72
C VAL A 144 9.41 11.70 -6.41
N ILE A 145 8.74 12.20 -7.43
CA ILE A 145 7.90 13.39 -7.30
C ILE A 145 6.46 13.01 -7.67
N ASN A 146 5.56 13.12 -6.70
CA ASN A 146 4.16 12.76 -6.90
C ASN A 146 3.28 14.00 -6.89
N GLN A 147 2.42 14.09 -7.90
CA GLN A 147 1.41 15.13 -7.99
C GLN A 147 0.06 14.47 -8.31
N SER A 148 -0.98 15.28 -8.40
CA SER A 148 -2.32 14.75 -8.56
C SER A 148 -2.51 14.08 -9.91
N HIS A 149 -2.00 14.68 -10.98
CA HIS A 149 -2.24 14.16 -12.33
C HIS A 149 -1.02 13.54 -13.00
N GLN A 150 0.13 13.63 -12.35
CA GLN A 150 1.35 13.07 -12.88
C GLN A 150 2.37 12.82 -11.78
N GLN A 151 3.40 12.07 -12.11
CA GLN A 151 4.48 11.82 -11.18
C GLN A 151 5.76 11.54 -11.97
N TYR A 152 6.90 11.65 -11.28
CA TYR A 152 8.20 11.70 -11.91
C TYR A 152 9.26 10.93 -11.15
N LEU A 153 10.27 10.46 -11.89
CA LEU A 153 11.56 10.10 -11.29
C LEU A 153 12.54 11.20 -11.62
N GLN A 154 13.50 11.43 -10.73
CA GLN A 154 14.55 12.41 -11.00
C GLN A 154 15.88 11.94 -10.44
N LYS A 155 16.91 11.98 -11.27
CA LYS A 155 18.27 11.62 -10.88
C LYS A 155 19.19 12.83 -10.97
N ASP A 156 20.14 12.94 -10.03
CA ASP A 156 21.06 14.06 -10.03
C ASP A 156 22.44 13.61 -10.52
N LEU A 157 22.45 12.47 -11.20
CA LEU A 157 23.65 11.86 -11.73
C LEU A 157 23.27 11.21 -13.06
N PRO A 158 23.79 11.72 -14.19
CA PRO A 158 23.30 11.24 -15.50
C PRO A 158 23.54 9.75 -15.74
N ASP A 159 24.63 9.24 -15.16
CA ASP A 159 25.04 7.86 -15.37
C ASP A 159 24.35 6.88 -14.44
N LEU A 160 23.46 7.37 -13.58
CA LEU A 160 22.78 6.49 -12.64
C LEU A 160 22.03 5.45 -13.48
N TYR A 161 22.07 4.21 -13.02
CA TYR A 161 21.38 3.12 -13.68
C TYR A 161 20.47 2.41 -12.69
N VAL A 162 19.17 2.41 -12.99
CA VAL A 162 18.18 1.84 -12.09
C VAL A 162 17.74 0.46 -12.55
N ASP A 163 17.76 -0.47 -11.61
CA ASP A 163 17.41 -1.86 -11.86
C ASP A 163 16.44 -2.36 -10.79
N LEU A 164 15.23 -2.69 -11.22
CA LEU A 164 14.16 -3.08 -10.30
C LEU A 164 13.91 -4.58 -10.31
N SER A 165 14.91 -5.34 -10.73
CA SER A 165 14.83 -6.80 -10.83
C SER A 165 14.38 -7.44 -9.53
N THR A 166 14.93 -6.98 -8.41
CA THR A 166 14.67 -7.61 -7.12
C THR A 166 13.31 -7.31 -6.52
N VAL A 167 12.55 -6.41 -7.13
CA VAL A 167 11.20 -6.09 -6.63
C VAL A 167 10.13 -6.28 -7.70
N GLY A 168 10.56 -6.52 -8.94
CA GLY A 168 9.61 -6.63 -10.04
C GLY A 168 8.61 -7.76 -9.87
N GLU A 169 9.07 -8.88 -9.33
CA GLU A 169 8.21 -10.04 -9.09
C GLU A 169 7.16 -9.74 -8.04
N GLY A 170 7.58 -9.13 -6.95
CA GLY A 170 6.66 -8.77 -5.88
C GLY A 170 5.62 -7.81 -6.38
N TYR A 171 6.04 -6.78 -7.12
CA TYR A 171 5.08 -5.85 -7.70
C TYR A 171 4.07 -6.59 -8.61
N ALA A 172 4.56 -7.46 -9.48
CA ALA A 172 3.68 -8.15 -10.43
C ALA A 172 2.65 -9.02 -9.70
N ALA A 173 3.08 -9.69 -8.64
CA ALA A 173 2.19 -10.53 -7.86
C ALA A 173 1.12 -9.69 -7.16
N ASP A 174 1.52 -8.53 -6.64
CA ASP A 174 0.56 -7.61 -6.03
C ASP A 174 -0.45 -7.13 -7.07
N HIS A 175 0.06 -6.78 -8.24
CA HIS A 175 -0.75 -6.23 -9.32
C HIS A 175 -1.71 -7.30 -9.84
N LEU A 176 -1.26 -8.55 -9.83
CA LEU A 176 -2.13 -9.68 -10.18
C LEU A 176 -3.27 -9.81 -9.18
N ALA A 177 -2.97 -9.59 -7.90
CA ALA A 177 -4.02 -9.62 -6.88
C ALA A 177 -5.05 -8.54 -7.18
N ARG A 178 -4.59 -7.36 -7.59
CA ARG A 178 -5.50 -6.27 -7.94
C ARG A 178 -6.33 -6.67 -9.16
N LEU A 179 -5.72 -7.40 -10.08
CA LEU A 179 -6.44 -7.88 -11.26
C LEU A 179 -7.53 -8.86 -10.84
N MET A 180 -7.21 -9.78 -9.93
CA MET A 180 -8.20 -10.70 -9.39
C MET A 180 -9.41 -9.95 -8.83
N GLU A 181 -9.13 -8.92 -8.03
CA GLU A 181 -10.18 -8.13 -7.39
C GLU A 181 -11.05 -7.41 -8.41
N GLN A 182 -10.40 -6.76 -9.37
CA GLN A 182 -11.10 -6.06 -10.43
C GLN A 182 -11.94 -7.04 -11.26
N GLU A 183 -11.52 -8.30 -11.30
CA GLU A 183 -12.24 -9.35 -12.02
C GLU A 183 -13.22 -10.13 -11.12
N GLY A 184 -13.53 -9.58 -9.96
CA GLY A 184 -14.51 -10.20 -9.06
C GLY A 184 -14.14 -11.56 -8.51
N ILE A 185 -12.84 -11.82 -8.39
CA ILE A 185 -12.33 -13.09 -7.87
C ILE A 185 -11.84 -12.90 -6.43
N SER A 186 -12.44 -13.63 -5.51
CA SER A 186 -12.24 -13.38 -4.07
C SER A 186 -11.36 -14.44 -3.42
N ARG A 187 -11.07 -15.50 -4.17
CA ARG A 187 -10.27 -16.60 -3.65
C ARG A 187 -9.22 -16.95 -4.68
N TYR A 188 -7.95 -16.88 -4.28
CA TYR A 188 -6.86 -17.10 -5.21
C TYR A 188 -5.52 -17.23 -4.51
N LEU A 189 -4.57 -17.80 -5.23
CA LEU A 189 -3.17 -17.80 -4.86
C LEU A 189 -2.42 -17.49 -6.13
N VAL A 190 -1.71 -16.36 -6.15
CA VAL A 190 -0.98 -15.95 -7.34
C VAL A 190 0.49 -15.82 -6.99
N SER A 191 1.35 -16.24 -7.91
CA SER A 191 2.77 -16.15 -7.69
C SER A 191 3.48 -15.68 -8.96
N VAL A 192 4.54 -14.92 -8.77
CA VAL A 192 5.44 -14.55 -9.86
C VAL A 192 6.83 -14.76 -9.31
N GLY A 193 7.57 -15.69 -9.91
CA GLY A 193 8.86 -16.07 -9.39
C GLY A 193 8.74 -16.49 -7.94
N GLY A 194 9.58 -15.93 -7.08
CA GLY A 194 9.57 -16.26 -5.67
C GLY A 194 8.57 -15.47 -4.83
N ALA A 195 7.70 -14.69 -5.47
CA ALA A 195 6.76 -13.82 -4.76
C ALA A 195 5.32 -14.35 -4.85
N LEU A 196 4.61 -14.38 -3.73
CA LEU A 196 3.23 -14.88 -3.71
C LEU A 196 2.28 -13.98 -2.93
N ASN A 197 1.01 -14.00 -3.37
CA ASN A 197 -0.12 -13.47 -2.60
C ASN A 197 -1.24 -14.49 -2.57
N SER A 198 -1.97 -14.55 -1.47
CA SER A 198 -3.14 -15.41 -1.38
C SER A 198 -4.29 -14.74 -0.66
N ARG A 199 -5.49 -15.24 -0.96
CA ARG A 199 -6.69 -14.81 -0.27
C ARG A 199 -7.72 -15.92 -0.23
N GLY A 200 -8.32 -16.12 0.94
CA GLY A 200 -9.49 -16.96 1.04
C GLY A 200 -9.15 -18.43 1.14
N MET A 201 -10.14 -19.26 0.83
CA MET A 201 -10.05 -20.68 1.04
C MET A 201 -9.71 -21.40 -0.26
N ASN A 202 -8.93 -22.48 -0.16
CA ASN A 202 -8.51 -23.21 -1.33
C ASN A 202 -9.60 -24.17 -1.79
N GLY A 203 -9.22 -25.26 -2.46
CA GLY A 203 -10.18 -26.22 -2.97
C GLY A 203 -10.69 -27.18 -1.91
N GLU A 204 -10.56 -26.79 -0.65
CA GLU A 204 -11.00 -27.62 0.47
C GLU A 204 -11.49 -26.77 1.63
N GLY A 205 -11.79 -25.51 1.36
CA GLY A 205 -12.37 -24.63 2.36
C GLY A 205 -11.41 -24.14 3.43
N LEU A 206 -10.13 -24.50 3.30
CA LEU A 206 -9.10 -24.08 4.25
C LEU A 206 -8.24 -22.97 3.66
N PRO A 207 -7.66 -22.11 4.52
CA PRO A 207 -6.83 -21.01 4.00
C PRO A 207 -5.66 -21.54 3.19
N TRP A 208 -5.33 -20.90 2.08
CA TRP A 208 -4.22 -21.34 1.22
C TRP A 208 -2.98 -21.63 2.06
N ARG A 209 -2.37 -22.78 1.81
CA ARG A 209 -1.17 -23.17 2.53
C ARG A 209 0.05 -22.99 1.63
N VAL A 210 1.06 -22.33 2.17
CA VAL A 210 2.29 -22.06 1.45
C VAL A 210 3.44 -22.78 2.13
N ALA A 211 4.11 -23.66 1.39
CA ALA A 211 5.28 -24.36 1.88
C ALA A 211 6.49 -23.44 1.87
N ILE A 212 7.26 -23.48 2.95
CA ILE A 212 8.49 -22.71 3.04
C ILE A 212 9.67 -23.58 2.61
N ALA A 224 7.96 -26.75 7.02
CA ALA A 224 7.12 -25.73 7.64
C ALA A 224 6.14 -25.14 6.62
N VAL A 225 4.93 -24.84 7.09
CA VAL A 225 3.89 -24.31 6.22
C VAL A 225 3.20 -23.12 6.89
N VAL A 226 2.87 -22.11 6.08
CA VAL A 226 2.23 -20.90 6.59
C VAL A 226 0.92 -20.61 5.88
N ASP A 227 0.07 -19.88 6.59
CA ASP A 227 -1.12 -19.25 6.01
C ASP A 227 -0.87 -17.76 5.98
N ILE A 228 -0.70 -17.21 4.78
CA ILE A 228 -0.38 -15.79 4.64
C ILE A 228 -1.47 -15.04 3.87
N ASN A 229 -2.71 -15.55 3.95
CA ASN A 229 -3.86 -14.83 3.38
C ASN A 229 -3.83 -13.37 3.74
N GLY A 230 -3.94 -12.50 2.75
CA GLY A 230 -3.97 -11.07 2.98
C GLY A 230 -2.60 -10.45 3.10
N HIS A 231 -1.56 -11.25 2.84
CA HIS A 231 -0.18 -10.78 2.93
C HIS A 231 0.60 -11.16 1.68
N GLY A 232 1.73 -10.49 1.48
CA GLY A 232 2.71 -10.93 0.49
C GLY A 232 3.77 -11.79 1.14
N ILE A 233 4.36 -12.69 0.36
CA ILE A 233 5.50 -13.45 0.84
C ILE A 233 6.51 -13.59 -0.29
N SER A 234 7.79 -13.47 0.08
CA SER A 234 8.87 -13.60 -0.86
C SER A 234 9.96 -14.50 -0.27
N THR A 235 10.47 -15.39 -1.10
CA THR A 235 11.58 -16.25 -0.72
C THR A 235 12.80 -15.93 -1.57
N SER A 236 13.96 -15.90 -0.92
CA SER A 236 15.21 -15.64 -1.62
C SER A 236 15.53 -16.76 -2.61
N GLY A 237 16.38 -16.45 -3.59
CA GLY A 237 16.78 -17.43 -4.58
C GLY A 237 16.79 -16.82 -5.96
N SER A 238 17.34 -17.56 -6.92
CA SER A 238 17.34 -17.13 -8.31
C SER A 238 16.18 -17.80 -9.07
N TYR A 239 15.34 -16.98 -9.69
CA TYR A 239 14.17 -17.48 -10.42
C TYR A 239 14.21 -17.11 -11.90
N ARG A 240 15.11 -16.19 -12.27
CA ARG A 240 15.19 -15.74 -13.66
C ARG A 240 16.22 -16.57 -14.42
N ASN A 241 16.11 -16.56 -15.75
CA ASN A 241 17.04 -17.31 -16.61
C ASN A 241 17.71 -16.41 -17.64
N SER A 251 24.55 -14.03 -13.34
CA SER A 251 24.06 -12.95 -12.49
C SER A 251 24.64 -13.05 -11.08
N HIS A 252 24.52 -11.97 -10.32
CA HIS A 252 25.01 -11.93 -8.95
C HIS A 252 24.14 -11.03 -8.09
N VAL A 253 23.93 -11.43 -6.84
CA VAL A 253 23.43 -10.51 -5.82
C VAL A 253 24.64 -9.85 -5.17
N ILE A 254 24.74 -8.54 -5.32
CA ILE A 254 25.91 -7.81 -4.88
C ILE A 254 25.69 -7.09 -3.57
N ASP A 255 26.68 -7.16 -2.70
CA ASP A 255 26.69 -6.37 -1.48
C ASP A 255 27.16 -4.96 -1.82
N PRO A 256 26.26 -3.96 -1.77
CA PRO A 256 26.71 -2.61 -2.19
C PRO A 256 27.82 -2.04 -1.32
N GLN A 257 27.93 -2.51 -0.08
CA GLN A 257 28.96 -2.02 0.82
C GLN A 257 30.34 -2.42 0.32
N THR A 258 30.47 -3.67 -0.12
CA THR A 258 31.75 -4.20 -0.60
C THR A 258 31.87 -4.12 -2.12
N GLY A 259 30.73 -4.08 -2.81
CA GLY A 259 30.72 -4.09 -4.26
C GLY A 259 31.08 -5.45 -4.82
N ARG A 260 30.96 -6.48 -3.98
CA ARG A 260 31.23 -7.86 -4.39
C ARG A 260 29.99 -8.73 -4.19
N PRO A 261 29.96 -9.90 -4.84
CA PRO A 261 28.93 -10.90 -4.56
C PRO A 261 28.87 -11.24 -3.07
N ILE A 262 27.67 -11.50 -2.55
CA ILE A 262 27.53 -11.80 -1.12
C ILE A 262 28.19 -13.14 -0.80
N GLU A 263 28.81 -13.22 0.37
CA GLU A 263 29.63 -14.38 0.73
C GLU A 263 29.58 -14.64 2.22
N HIS A 264 28.36 -14.65 2.77
CA HIS A 264 28.11 -15.00 4.15
C HIS A 264 27.33 -16.31 4.17
N ASN A 265 26.98 -16.79 5.36
CA ASN A 265 26.30 -18.08 5.48
C ASN A 265 24.79 -17.97 5.70
N LEU A 266 24.16 -17.02 5.02
CA LEU A 266 22.70 -16.92 5.00
C LEU A 266 22.16 -17.58 3.74
N VAL A 267 21.81 -18.86 3.87
CA VAL A 267 21.39 -19.70 2.75
C VAL A 267 20.09 -19.21 2.13
N SER A 268 19.13 -18.86 3.00
CA SER A 268 17.79 -18.53 2.55
C SER A 268 17.12 -17.58 3.54
N VAL A 269 16.34 -16.65 3.02
CA VAL A 269 15.50 -15.81 3.85
C VAL A 269 14.13 -15.68 3.19
N THR A 270 13.09 -15.80 4.01
CA THR A 270 11.71 -15.64 3.58
C THR A 270 11.08 -14.53 4.41
N VAL A 271 10.38 -13.62 3.74
CA VAL A 271 9.71 -12.50 4.39
C VAL A 271 8.22 -12.51 4.10
N ILE A 272 7.43 -12.28 5.14
CA ILE A 272 6.00 -12.07 5.02
C ILE A 272 5.78 -10.59 5.34
N ALA A 273 5.07 -9.89 4.47
CA ALA A 273 4.86 -8.44 4.62
C ALA A 273 3.47 -8.09 4.10
N PRO A 274 3.01 -6.84 4.32
CA PRO A 274 1.68 -6.47 3.84
C PRO A 274 1.51 -6.64 2.33
N THR A 275 2.57 -6.40 1.55
CA THR A 275 2.54 -6.65 0.11
C THR A 275 3.76 -7.45 -0.32
N ALA A 276 3.65 -8.07 -1.48
CA ALA A 276 4.73 -8.88 -2.00
C ALA A 276 5.88 -8.01 -2.47
N LEU A 277 5.56 -6.79 -2.91
CA LEU A 277 6.58 -5.82 -3.28
C LEU A 277 7.50 -5.55 -2.08
N GLU A 278 6.89 -5.24 -0.94
CA GLU A 278 7.65 -5.03 0.31
C GLU A 278 8.43 -6.28 0.69
N ALA A 279 7.77 -7.44 0.61
CA ALA A 279 8.40 -8.69 0.99
C ALA A 279 9.63 -8.92 0.11
N ASP A 280 9.46 -8.68 -1.19
CA ASP A 280 10.54 -8.84 -2.16
C ASP A 280 11.72 -7.93 -1.83
N ALA A 281 11.42 -6.69 -1.47
CA ALA A 281 12.46 -5.72 -1.19
C ALA A 281 13.19 -6.06 0.11
N TRP A 282 12.43 -6.35 1.16
CA TRP A 282 13.03 -6.73 2.44
C TRP A 282 13.90 -7.96 2.26
N ASP A 283 13.36 -8.93 1.54
CA ASP A 283 13.99 -10.23 1.37
C ASP A 283 15.39 -10.08 0.79
N THR A 284 15.51 -9.25 -0.24
CA THR A 284 16.80 -8.98 -0.85
C THR A 284 17.74 -8.25 0.11
N GLY A 285 17.21 -7.23 0.79
CA GLY A 285 18.02 -6.48 1.74
C GLY A 285 18.56 -7.38 2.85
N LEU A 286 17.70 -8.22 3.40
CA LEU A 286 18.12 -9.07 4.51
C LEU A 286 19.07 -10.17 4.03
N MET A 287 18.86 -10.66 2.81
CA MET A 287 19.79 -11.63 2.23
C MET A 287 21.17 -11.01 2.13
N VAL A 288 21.25 -9.79 1.61
CA VAL A 288 22.53 -9.10 1.45
C VAL A 288 23.20 -8.85 2.81
N LEU A 289 22.41 -8.49 3.82
CA LEU A 289 22.93 -8.16 5.14
C LEU A 289 23.56 -9.36 5.88
N GLY A 290 23.10 -10.56 5.59
CA GLY A 290 23.56 -11.73 6.32
C GLY A 290 22.87 -11.85 7.67
N PRO A 291 23.10 -12.97 8.37
CA PRO A 291 22.34 -13.37 9.56
C PRO A 291 22.27 -12.32 10.66
N GLU A 292 23.41 -11.87 11.18
CA GLU A 292 23.43 -10.99 12.36
C GLU A 292 22.79 -9.63 12.10
N LYS A 293 23.19 -8.99 11.00
CA LYS A 293 22.66 -7.68 10.67
C LYS A 293 21.18 -7.78 10.29
N ALA A 294 20.83 -8.86 9.60
CA ALA A 294 19.43 -9.06 9.19
C ALA A 294 18.53 -9.15 10.41
N LYS A 295 18.97 -9.88 11.43
CA LYS A 295 18.17 -10.06 12.64
C LYS A 295 17.93 -8.73 13.36
N GLU A 296 18.92 -7.85 13.35
CA GLU A 296 18.78 -6.54 13.99
C GLU A 296 17.70 -5.72 13.27
N VAL A 297 17.74 -5.74 11.95
CA VAL A 297 16.72 -5.02 11.17
C VAL A 297 15.35 -5.63 11.43
N VAL A 298 15.29 -6.96 11.47
CA VAL A 298 14.02 -7.65 11.68
C VAL A 298 13.39 -7.30 13.02
N ARG A 299 14.23 -7.25 14.05
CA ARG A 299 13.79 -6.86 15.38
C ARG A 299 13.27 -5.44 15.39
N ARG A 300 14.06 -4.53 14.83
CA ARG A 300 13.76 -3.11 14.85
C ARG A 300 12.49 -2.76 14.07
N GLU A 301 12.28 -3.43 12.95
CA GLU A 301 11.19 -3.10 12.05
C GLU A 301 9.97 -3.97 12.33
N GLY A 302 10.14 -4.98 13.19
CA GLY A 302 9.04 -5.85 13.57
C GLY A 302 8.60 -6.76 12.46
N LEU A 303 9.55 -7.25 11.69
CA LEU A 303 9.25 -8.04 10.48
C LEU A 303 9.03 -9.51 10.76
N ALA A 304 8.19 -10.12 9.92
CA ALA A 304 7.95 -11.56 9.94
C ALA A 304 8.92 -12.25 8.99
N VAL A 305 9.95 -12.86 9.55
CA VAL A 305 11.06 -13.37 8.75
C VAL A 305 11.52 -14.74 9.20
N TYR A 306 11.83 -15.59 8.22
CA TYR A 306 12.34 -16.93 8.43
C TYR A 306 13.68 -17.03 7.72
N MET A 307 14.72 -17.41 8.46
CA MET A 307 16.07 -17.52 7.90
C MET A 307 16.60 -18.95 8.02
N ILE A 308 17.41 -19.34 7.04
CA ILE A 308 18.19 -20.58 7.09
C ILE A 308 19.65 -20.21 6.88
N THR A 309 20.50 -20.59 7.83
CA THR A 309 21.94 -20.32 7.73
C THR A 309 22.76 -21.63 7.80
N LYS A 310 23.94 -21.60 7.16
CA LYS A 310 24.82 -22.77 7.14
C LYS A 310 25.79 -22.74 8.32
N GLU A 311 25.68 -23.76 9.18
CA GLU A 311 26.56 -23.91 10.33
C GLU A 311 27.50 -25.10 10.13
N GLY A 312 28.64 -24.86 9.51
CA GLY A 312 29.57 -25.92 9.18
C GLY A 312 29.00 -26.83 8.11
N ASP A 313 28.61 -28.03 8.51
CA ASP A 313 28.02 -29.00 7.59
C ASP A 313 26.50 -28.95 7.65
N SER A 314 25.97 -28.65 8.83
CA SER A 314 24.54 -28.61 9.05
C SER A 314 23.99 -27.19 8.88
N PHE A 315 22.67 -27.07 8.84
CA PHE A 315 22.01 -25.77 8.78
C PHE A 315 21.26 -25.53 10.08
N LYS A 316 20.91 -24.27 10.34
CA LYS A 316 20.01 -23.95 11.44
C LYS A 316 18.97 -22.94 10.97
N THR A 317 17.80 -22.97 11.63
CA THR A 317 16.70 -22.10 11.27
C THR A 317 16.47 -21.05 12.34
N TRP A 318 15.90 -19.93 11.93
CA TRP A 318 15.55 -18.85 12.84
C TRP A 318 14.28 -18.18 12.34
N MET A 319 13.31 -18.00 13.24
CA MET A 319 12.07 -17.29 12.93
C MET A 319 11.88 -16.13 13.89
N SER A 320 11.45 -15.00 13.36
CA SER A 320 11.07 -13.91 14.22
C SER A 320 9.74 -14.29 14.86
N PRO A 321 9.43 -13.70 16.01
CA PRO A 321 8.12 -13.91 16.66
C PRO A 321 6.96 -13.66 15.70
N GLN A 322 7.09 -12.66 14.86
CA GLN A 322 6.03 -12.29 13.94
C GLN A 322 5.80 -13.34 12.86
N PHE A 323 6.87 -14.00 12.43
CA PHE A 323 6.74 -15.04 11.40
C PHE A 323 5.94 -16.20 11.94
N LYS A 324 6.14 -16.50 13.22
CA LYS A 324 5.52 -17.66 13.84
C LYS A 324 4.00 -17.55 13.91
N SER A 325 3.48 -16.33 13.86
CA SER A 325 2.03 -16.15 13.94
C SER A 325 1.36 -16.68 12.68
N PHE A 326 2.15 -16.96 11.65
CA PHE A 326 1.63 -17.43 10.36
C PHE A 326 1.74 -18.94 10.18
N LEU A 327 2.44 -19.60 11.10
CA LEU A 327 2.65 -21.05 11.01
C LEU A 327 1.34 -21.81 11.22
N VAL A 328 1.12 -22.82 10.37
CA VAL A 328 -0.02 -23.71 10.49
C VAL A 328 0.44 -25.06 11.05
N SER A 329 -0.45 -25.71 11.79
CA SER A 329 -0.17 -27.07 12.27
C SER A 329 -1.45 -27.92 12.21
N THR B 13 -12.82 -19.99 20.49
CA THR B 13 -11.77 -19.06 20.87
C THR B 13 -12.38 -17.73 21.33
N GLU B 14 -12.04 -17.32 22.56
CA GLU B 14 -12.59 -16.09 23.11
C GLU B 14 -11.97 -14.88 22.42
N VAL B 15 -12.80 -13.89 22.14
CA VAL B 15 -12.35 -12.68 21.47
C VAL B 15 -12.36 -11.50 22.43
N THR B 16 -11.21 -10.83 22.53
CA THR B 16 -11.10 -9.60 23.30
C THR B 16 -11.43 -8.41 22.41
N VAL B 17 -12.27 -7.51 22.92
CA VAL B 17 -12.59 -6.28 22.22
C VAL B 17 -12.06 -5.12 23.02
N LEU B 18 -11.22 -4.31 22.38
CA LEU B 18 -10.67 -3.13 22.98
C LEU B 18 -11.32 -1.93 22.31
N GLU B 19 -11.53 -0.85 23.08
CA GLU B 19 -12.19 0.33 22.57
C GLU B 19 -11.63 1.57 23.24
N GLY B 20 -11.61 2.67 22.50
CA GLY B 20 -11.16 3.94 23.03
C GLY B 20 -11.52 5.07 22.10
N LYS B 21 -11.07 6.27 22.44
CA LYS B 21 -11.35 7.47 21.67
C LYS B 21 -10.13 7.89 20.89
N THR B 22 -10.35 8.36 19.68
CA THR B 22 -9.29 8.94 18.88
C THR B 22 -9.88 9.79 17.77
N MET B 23 -9.23 10.91 17.48
CA MET B 23 -9.58 11.76 16.34
C MET B 23 -11.05 12.21 16.40
N GLY B 24 -11.56 12.44 17.60
CA GLY B 24 -12.93 12.85 17.77
C GLY B 24 -13.94 11.73 17.58
N THR B 25 -13.45 10.52 17.30
CA THR B 25 -14.33 9.38 17.13
C THR B 25 -13.86 8.23 18.01
N PHE B 26 -14.26 7.01 17.68
CA PHE B 26 -13.87 5.85 18.45
C PHE B 26 -13.05 4.86 17.62
N TRP B 27 -12.24 4.08 18.32
CA TRP B 27 -11.55 2.95 17.70
C TRP B 27 -11.95 1.67 18.41
N ARG B 28 -11.86 0.57 17.69
CA ARG B 28 -12.09 -0.74 18.24
C ARG B 28 -11.07 -1.71 17.67
N ALA B 29 -10.72 -2.71 18.46
CA ALA B 29 -9.91 -3.81 17.97
C ALA B 29 -10.39 -5.10 18.61
N SER B 30 -10.79 -6.04 17.76
CA SER B 30 -11.21 -7.37 18.18
C SER B 30 -10.09 -8.33 17.89
N ILE B 31 -9.63 -9.03 18.93
CA ILE B 31 -8.47 -9.91 18.83
C ILE B 31 -8.75 -11.25 19.51
N PRO B 32 -8.83 -12.35 18.72
CA PRO B 32 -9.06 -13.63 19.39
C PRO B 32 -7.84 -14.16 20.13
N GLY B 33 -8.08 -14.78 21.28
CA GLY B 33 -7.06 -15.53 21.98
C GLY B 33 -5.91 -14.76 22.59
N ILE B 34 -6.18 -13.59 23.18
CA ILE B 34 -5.17 -12.85 23.93
C ILE B 34 -5.61 -12.71 25.39
N ASP B 35 -4.67 -12.85 26.33
CA ASP B 35 -5.04 -12.82 27.74
C ASP B 35 -5.16 -11.39 28.24
N ALA B 36 -5.58 -11.26 29.50
CA ALA B 36 -5.85 -9.97 30.10
C ALA B 36 -4.61 -9.08 30.13
N LYS B 37 -3.45 -9.66 30.39
CA LYS B 37 -2.23 -8.87 30.53
C LYS B 37 -1.82 -8.31 29.17
N ARG B 38 -1.86 -9.18 28.17
CA ARG B 38 -1.49 -8.84 26.81
C ARG B 38 -2.47 -7.82 26.24
N SER B 39 -3.74 -7.96 26.61
CA SER B 39 -4.80 -7.04 26.20
C SER B 39 -4.53 -5.63 26.70
N ALA B 40 -4.19 -5.53 27.98
CA ALA B 40 -3.95 -4.23 28.60
C ALA B 40 -2.73 -3.56 27.99
N GLU B 41 -1.71 -4.36 27.70
CA GLU B 41 -0.48 -3.84 27.13
C GLU B 41 -0.70 -3.36 25.70
N LEU B 42 -1.51 -4.10 24.96
CA LEU B 42 -1.82 -3.75 23.57
C LEU B 42 -2.70 -2.51 23.50
N LYS B 43 -3.67 -2.42 24.40
CA LYS B 43 -4.53 -1.24 24.45
C LYS B 43 -3.67 0.01 24.64
N GLU B 44 -2.66 -0.08 25.48
CA GLU B 44 -1.77 1.06 25.72
C GLU B 44 -0.97 1.39 24.48
N LYS B 45 -0.47 0.36 23.80
CA LYS B 45 0.32 0.55 22.58
C LYS B 45 -0.54 1.17 21.49
N ILE B 46 -1.75 0.65 21.34
CA ILE B 46 -2.73 1.15 20.38
C ILE B 46 -3.04 2.63 20.63
N GLN B 47 -3.36 2.97 21.87
CA GLN B 47 -3.76 4.34 22.18
C GLN B 47 -2.59 5.28 21.95
N THR B 48 -1.39 4.83 22.31
CA THR B 48 -0.18 5.63 22.10
C THR B 48 0.05 5.95 20.61
N GLN B 49 -0.07 4.93 19.78
CA GLN B 49 0.06 5.11 18.34
C GLN B 49 -1.04 6.01 17.77
N LEU B 50 -2.28 5.81 18.21
CA LEU B 50 -3.39 6.61 17.68
C LEU B 50 -3.21 8.06 18.09
N ASP B 51 -2.77 8.29 19.32
CA ASP B 51 -2.49 9.65 19.77
C ASP B 51 -1.41 10.28 18.89
N ALA B 52 -0.38 9.51 18.57
CA ALA B 52 0.68 9.98 17.68
C ALA B 52 0.14 10.32 16.29
N ASP B 53 -0.68 9.45 15.74
CA ASP B 53 -1.29 9.71 14.44
C ASP B 53 -2.18 10.96 14.49
N ASP B 54 -2.87 11.16 15.60
CA ASP B 54 -3.70 12.35 15.76
C ASP B 54 -2.80 13.58 15.78
N GLN B 55 -1.66 13.46 16.46
CA GLN B 55 -0.68 14.54 16.54
C GLN B 55 -0.03 14.80 15.18
N LEU B 56 0.02 13.78 14.33
CA LEU B 56 0.57 13.94 12.99
C LEU B 56 -0.38 14.71 12.09
N LEU B 57 -1.67 14.39 12.21
CA LEU B 57 -2.63 14.74 11.16
C LEU B 57 -3.71 15.76 11.54
N SER B 58 -3.95 15.99 12.81
CA SER B 58 -5.15 16.72 13.22
C SER B 58 -5.14 18.18 12.77
N THR B 59 -6.27 18.62 12.21
CA THR B 59 -6.49 20.03 11.97
C THR B 59 -7.15 20.67 13.18
N ASN B 60 -7.61 19.84 14.12
CA ASN B 60 -8.19 20.35 15.36
C ASN B 60 -7.12 20.66 16.40
N LYS B 61 -5.87 20.30 16.09
CA LYS B 61 -4.73 20.56 16.98
C LYS B 61 -3.84 21.65 16.40
N LYS B 62 -3.63 22.72 17.16
CA LYS B 62 -2.84 23.85 16.71
C LYS B 62 -1.42 23.47 16.31
N ASP B 63 -0.88 22.43 16.96
CA ASP B 63 0.53 22.09 16.86
C ASP B 63 0.81 20.77 16.13
N SER B 64 -0.19 20.22 15.45
CA SER B 64 0.03 18.98 14.71
C SER B 64 1.05 19.19 13.60
N ALA B 65 1.69 18.11 13.16
CA ALA B 65 2.65 18.20 12.06
C ALA B 65 2.00 18.85 10.85
N LEU B 66 0.76 18.49 10.59
CA LEU B 66 0.03 19.03 9.44
C LEU B 66 -0.27 20.52 9.60
N MET B 67 -0.70 20.92 10.80
CA MET B 67 -1.04 22.32 11.02
C MET B 67 0.23 23.19 10.99
N ARG B 68 1.36 22.61 11.38
CA ARG B 68 2.63 23.31 11.26
C ARG B 68 2.95 23.63 9.81
N PHE B 69 2.66 22.68 8.92
CA PHE B 69 2.81 22.92 7.49
C PHE B 69 1.82 23.98 7.01
N ASN B 70 0.57 23.86 7.46
CA ASN B 70 -0.47 24.82 7.08
C ASN B 70 -0.16 26.23 7.55
N ASP B 71 0.48 26.38 8.70
CA ASP B 71 0.85 27.69 9.22
C ASP B 71 1.99 28.29 8.41
N SER B 72 2.82 27.43 7.84
CA SER B 72 3.97 27.90 7.07
C SER B 72 3.55 28.54 5.77
N GLN B 73 4.23 29.63 5.41
CA GLN B 73 3.99 30.31 4.15
C GLN B 73 5.03 29.92 3.10
N SER B 74 5.96 29.03 3.49
CA SER B 74 7.05 28.64 2.61
C SER B 74 6.57 27.85 1.40
N LEU B 75 7.17 28.12 0.25
CA LEU B 75 6.86 27.42 -1.00
C LEU B 75 7.95 26.39 -1.34
N SER B 76 8.90 26.22 -0.42
CA SER B 76 9.96 25.24 -0.62
C SER B 76 9.58 23.93 0.09
N PRO B 77 10.29 22.84 -0.22
CA PRO B 77 9.95 21.54 0.37
C PRO B 77 9.97 21.54 1.89
N TRP B 78 8.93 20.95 2.48
CA TRP B 78 8.73 20.94 3.91
C TRP B 78 8.82 19.49 4.38
N PRO B 79 9.80 19.17 5.25
CA PRO B 79 10.00 17.74 5.57
C PRO B 79 8.85 17.14 6.38
N VAL B 80 8.45 15.94 5.99
CA VAL B 80 7.37 15.20 6.65
C VAL B 80 7.73 13.73 6.74
N SER B 81 6.91 12.98 7.46
CA SER B 81 7.12 11.55 7.64
C SER B 81 6.71 10.78 6.38
N GLU B 82 7.14 9.53 6.34
CA GLU B 82 6.77 8.61 5.25
C GLU B 82 5.26 8.50 5.15
N ALA B 83 4.57 8.37 6.29
CA ALA B 83 3.12 8.22 6.28
C ALA B 83 2.44 9.47 5.76
N MET B 84 2.94 10.64 6.13
CA MET B 84 2.34 11.90 5.69
C MET B 84 2.44 11.99 4.18
N ALA B 85 3.64 11.68 3.67
CA ALA B 85 3.89 11.71 2.23
C ALA B 85 2.93 10.77 1.49
N ASP B 86 2.76 9.56 2.01
CA ASP B 86 1.90 8.56 1.38
C ASP B 86 0.41 8.91 1.44
N ILE B 87 -0.04 9.41 2.58
CA ILE B 87 -1.43 9.83 2.71
C ILE B 87 -1.75 10.93 1.69
N VAL B 88 -0.86 11.91 1.57
CA VAL B 88 -1.09 13.00 0.64
C VAL B 88 -1.05 12.48 -0.80
N THR B 89 -0.06 11.64 -1.12
CA THR B 89 0.03 11.09 -2.48
C THR B 89 -1.26 10.39 -2.88
N THR B 90 -1.74 9.51 -2.01
CA THR B 90 -2.94 8.75 -2.26
C THR B 90 -4.13 9.71 -2.43
N SER B 91 -4.21 10.71 -1.57
CA SER B 91 -5.32 11.67 -1.60
C SER B 91 -5.30 12.48 -2.90
N LEU B 92 -4.12 12.89 -3.33
CA LEU B 92 -3.97 13.67 -4.57
C LEU B 92 -4.42 12.86 -5.78
N ARG B 93 -4.03 11.60 -5.82
CA ARG B 93 -4.36 10.72 -6.93
C ARG B 93 -5.84 10.39 -6.99
N ILE B 94 -6.42 10.03 -5.85
CA ILE B 94 -7.83 9.66 -5.83
C ILE B 94 -8.66 10.92 -6.05
N GLY B 95 -8.14 12.06 -5.61
CA GLY B 95 -8.71 13.35 -5.94
C GLY B 95 -8.85 13.53 -7.43
N ALA B 96 -7.77 13.28 -8.18
CA ALA B 96 -7.79 13.43 -9.63
C ALA B 96 -8.75 12.43 -10.26
N LYS B 97 -8.77 11.22 -9.71
CA LYS B 97 -9.57 10.13 -10.27
C LYS B 97 -11.05 10.30 -9.95
N THR B 98 -11.38 11.24 -9.07
CA THR B 98 -12.77 11.55 -8.76
C THR B 98 -13.13 12.95 -9.25
N ASP B 99 -12.41 13.41 -10.27
CA ASP B 99 -12.64 14.72 -10.90
C ASP B 99 -12.61 15.84 -9.86
N GLY B 100 -11.69 15.72 -8.91
CA GLY B 100 -11.49 16.72 -7.89
C GLY B 100 -12.51 16.69 -6.77
N ALA B 101 -13.39 15.70 -6.77
CA ALA B 101 -14.46 15.64 -5.76
C ALA B 101 -13.89 15.41 -4.38
N MET B 102 -12.88 14.57 -4.28
CA MET B 102 -12.17 14.32 -3.04
C MET B 102 -10.97 15.26 -3.00
N ASP B 103 -11.00 16.26 -2.13
CA ASP B 103 -10.06 17.38 -2.23
C ASP B 103 -9.56 17.82 -0.86
N ILE B 104 -8.34 17.43 -0.54
CA ILE B 104 -7.78 17.72 0.75
C ILE B 104 -7.35 19.19 0.92
N THR B 105 -7.53 20.01 -0.12
CA THR B 105 -7.24 21.46 -0.03
C THR B 105 -8.51 22.32 0.12
N VAL B 106 -9.65 21.67 0.33
CA VAL B 106 -10.96 22.35 0.37
C VAL B 106 -11.23 23.10 1.69
N GLY B 107 -10.29 23.02 2.63
CA GLY B 107 -10.40 23.66 3.94
C GLY B 107 -11.00 25.05 4.01
N PRO B 108 -10.47 26.01 3.23
CA PRO B 108 -10.97 27.38 3.17
C PRO B 108 -12.46 27.44 2.89
N LEU B 109 -12.96 26.52 2.07
CA LEU B 109 -14.39 26.48 1.80
C LEU B 109 -15.15 25.91 3.00
N VAL B 110 -14.59 24.88 3.62
CA VAL B 110 -15.21 24.27 4.81
C VAL B 110 -15.40 25.33 5.90
N ASN B 111 -14.35 26.07 6.21
CA ASN B 111 -14.43 27.12 7.22
C ASN B 111 -15.47 28.18 6.89
N LEU B 112 -15.60 28.49 5.60
CA LEU B 112 -16.56 29.47 5.14
C LEU B 112 -17.98 29.14 5.58
N TRP B 113 -18.29 27.85 5.62
CA TRP B 113 -19.64 27.39 5.92
C TRP B 113 -19.86 27.09 7.41
N GLY B 114 -18.93 27.55 8.24
CA GLY B 114 -19.04 27.34 9.67
C GLY B 114 -18.89 25.87 10.01
N PHE B 115 -18.25 25.13 9.12
CA PHE B 115 -18.01 23.70 9.32
C PHE B 115 -16.65 23.49 9.99
N PRO B 121 -22.20 26.55 12.04
CA PRO B 121 -23.09 26.91 10.93
C PRO B 121 -24.20 27.88 11.35
N VAL B 122 -24.09 29.12 10.91
CA VAL B 122 -25.06 30.16 11.27
C VAL B 122 -25.45 30.98 10.04
N GLN B 123 -24.46 31.52 9.35
CA GLN B 123 -24.68 32.40 8.22
C GLN B 123 -24.09 31.84 6.91
N ILE B 124 -24.89 31.95 5.86
CA ILE B 124 -24.61 31.34 4.56
C ILE B 124 -23.70 32.25 3.72
N PRO B 125 -22.61 31.71 3.15
CA PRO B 125 -21.73 32.59 2.38
C PRO B 125 -22.28 32.98 1.02
N SER B 126 -21.85 34.13 0.51
CA SER B 126 -22.19 34.55 -0.83
C SER B 126 -21.31 33.83 -1.86
N GLN B 127 -21.73 33.84 -3.11
CA GLN B 127 -20.94 33.28 -4.20
C GLN B 127 -19.59 33.99 -4.30
N GLU B 128 -19.61 35.29 -3.98
CA GLU B 128 -18.40 36.09 -3.99
C GLU B 128 -17.39 35.58 -2.96
N GLN B 129 -17.87 35.26 -1.76
CA GLN B 129 -17.01 34.72 -0.72
C GLN B 129 -16.51 33.33 -1.10
N ILE B 130 -17.40 32.52 -1.66
CA ILE B 130 -17.03 31.19 -2.12
C ILE B 130 -15.91 31.27 -3.15
N ASP B 131 -16.09 32.12 -4.16
CA ASP B 131 -15.08 32.30 -5.20
C ASP B 131 -13.74 32.71 -4.62
N ALA B 132 -13.75 33.64 -3.67
CA ALA B 132 -12.52 34.12 -3.06
C ALA B 132 -11.77 32.97 -2.40
N MET B 133 -12.50 32.06 -1.77
CA MET B 133 -11.88 30.96 -1.05
C MET B 133 -11.50 29.82 -2.00
N LYS B 134 -12.25 29.66 -3.08
CA LYS B 134 -11.90 28.66 -4.09
C LYS B 134 -10.51 28.96 -4.64
N ALA B 135 -10.16 30.24 -4.69
CA ALA B 135 -8.89 30.66 -5.26
C ALA B 135 -7.72 30.27 -4.37
N LYS B 136 -8.01 29.82 -3.16
CA LYS B 136 -6.99 29.38 -2.22
C LYS B 136 -6.86 27.86 -2.20
N THR B 137 -7.56 27.18 -3.11
CA THR B 137 -7.60 25.72 -3.12
C THR B 137 -7.18 25.15 -4.46
N GLY B 138 -6.96 23.84 -4.48
CA GLY B 138 -6.64 23.13 -5.70
C GLY B 138 -5.56 22.09 -5.51
N LEU B 139 -5.87 20.87 -5.92
CA LEU B 139 -4.93 19.75 -5.77
C LEU B 139 -3.66 19.94 -6.59
N GLN B 140 -3.73 20.80 -7.62
CA GLN B 140 -2.56 21.01 -8.46
C GLN B 140 -1.46 21.76 -7.69
N HIS B 141 -1.82 22.35 -6.56
CA HIS B 141 -0.87 23.15 -5.79
C HIS B 141 0.00 22.37 -4.81
N LEU B 142 -0.15 21.05 -4.77
CA LEU B 142 0.54 20.25 -3.76
C LEU B 142 1.38 19.14 -4.41
N THR B 143 2.63 19.04 -3.96
CA THR B 143 3.57 18.03 -4.44
C THR B 143 4.14 17.26 -3.26
N VAL B 144 4.36 15.95 -3.49
CA VAL B 144 5.04 15.08 -2.55
C VAL B 144 6.38 14.68 -3.17
N ILE B 145 7.45 14.84 -2.40
CA ILE B 145 8.79 14.49 -2.82
C ILE B 145 9.35 13.39 -1.91
N ASN B 146 9.59 12.21 -2.49
CA ASN B 146 10.11 11.06 -1.75
C ASN B 146 11.57 10.77 -2.09
N GLN B 147 12.39 10.59 -1.06
CA GLN B 147 13.77 10.16 -1.22
C GLN B 147 14.05 9.01 -0.27
N SER B 148 15.27 8.49 -0.28
CA SER B 148 15.56 7.31 0.52
C SER B 148 15.44 7.59 2.03
N HIS B 149 16.05 8.68 2.50
CA HIS B 149 16.13 8.97 3.92
C HIS B 149 15.18 10.06 4.39
N GLN B 150 14.52 10.74 3.46
CA GLN B 150 13.59 11.79 3.82
C GLN B 150 12.51 11.99 2.74
N GLN B 151 11.50 12.76 3.09
CA GLN B 151 10.44 13.11 2.14
C GLN B 151 9.79 14.41 2.55
N TYR B 152 9.07 15.03 1.61
CA TYR B 152 8.60 16.40 1.75
C TYR B 152 7.22 16.61 1.14
N LEU B 153 6.50 17.61 1.67
CA LEU B 153 5.39 18.21 0.97
C LEU B 153 5.87 19.54 0.45
N GLN B 154 5.31 19.96 -0.68
CA GLN B 154 5.61 21.28 -1.23
C GLN B 154 4.36 21.89 -1.83
N LYS B 155 4.06 23.12 -1.41
CA LYS B 155 2.96 23.88 -1.97
C LYS B 155 3.48 25.08 -2.74
N ASP B 156 2.78 25.46 -3.81
CA ASP B 156 3.19 26.60 -4.62
C ASP B 156 2.22 27.76 -4.42
N LEU B 157 1.40 27.64 -3.37
CA LEU B 157 0.45 28.67 -3.00
C LEU B 157 0.50 28.84 -1.48
N PRO B 158 1.00 30.00 -0.99
CA PRO B 158 1.21 30.17 0.45
C PRO B 158 -0.02 29.87 1.29
N ASP B 159 -1.19 30.26 0.78
CA ASP B 159 -2.44 30.19 1.54
C ASP B 159 -3.12 28.83 1.46
N LEU B 160 -2.48 27.86 0.80
CA LEU B 160 -3.05 26.53 0.70
C LEU B 160 -3.26 25.98 2.11
N TYR B 161 -4.40 25.34 2.33
CA TYR B 161 -4.71 24.73 3.62
C TYR B 161 -5.09 23.28 3.42
N VAL B 162 -4.28 22.38 3.96
CA VAL B 162 -4.50 20.95 3.79
C VAL B 162 -5.25 20.37 4.97
N ASP B 163 -6.34 19.67 4.68
CA ASP B 163 -7.14 18.99 5.69
C ASP B 163 -7.32 17.53 5.30
N LEU B 164 -6.80 16.64 6.15
CA LEU B 164 -6.82 15.20 5.90
C LEU B 164 -7.86 14.47 6.74
N SER B 165 -8.85 15.22 7.24
CA SER B 165 -9.91 14.65 8.07
C SER B 165 -10.58 13.44 7.43
N THR B 166 -10.76 13.51 6.11
CA THR B 166 -11.60 12.53 5.44
C THR B 166 -10.85 11.24 5.10
N VAL B 167 -9.53 11.22 5.32
CA VAL B 167 -8.75 10.01 5.13
C VAL B 167 -8.02 9.59 6.40
N GLY B 168 -8.09 10.41 7.45
CA GLY B 168 -7.32 10.13 8.65
C GLY B 168 -7.75 8.86 9.38
N GLU B 169 -9.04 8.56 9.37
CA GLU B 169 -9.55 7.35 10.00
C GLU B 169 -9.04 6.11 9.27
N GLY B 170 -9.08 6.16 7.95
CA GLY B 170 -8.61 5.07 7.13
C GLY B 170 -7.14 4.82 7.34
N TYR B 171 -6.35 5.88 7.36
CA TYR B 171 -4.92 5.72 7.63
C TYR B 171 -4.72 5.11 9.01
N ALA B 172 -5.42 5.64 10.01
CA ALA B 172 -5.25 5.17 11.38
C ALA B 172 -5.54 3.69 11.49
N ALA B 173 -6.60 3.24 10.81
CA ALA B 173 -6.98 1.84 10.83
C ALA B 173 -5.92 0.96 10.14
N ASP B 174 -5.41 1.41 9.00
CA ASP B 174 -4.33 0.71 8.33
C ASP B 174 -3.11 0.59 9.24
N HIS B 175 -2.78 1.69 9.89
CA HIS B 175 -1.61 1.75 10.75
C HIS B 175 -1.84 0.87 11.98
N LEU B 176 -3.08 0.78 12.47
CA LEU B 176 -3.40 -0.15 13.56
C LEU B 176 -3.19 -1.58 13.12
N ALA B 177 -3.58 -1.90 11.90
CA ALA B 177 -3.34 -3.23 11.35
C ALA B 177 -1.85 -3.55 11.30
N ARG B 178 -1.02 -2.58 10.90
CA ARG B 178 0.42 -2.79 10.87
C ARG B 178 0.98 -3.02 12.27
N LEU B 179 0.46 -2.27 13.24
CA LEU B 179 0.86 -2.44 14.63
C LEU B 179 0.54 -3.87 15.10
N MET B 180 -0.65 -4.37 14.76
CA MET B 180 -1.02 -5.73 15.11
C MET B 180 0.01 -6.70 14.56
N GLU B 181 0.38 -6.51 13.30
CA GLU B 181 1.32 -7.41 12.65
C GLU B 181 2.67 -7.38 13.36
N GLN B 182 3.11 -6.18 13.70
CA GLN B 182 4.40 -6.00 14.36
C GLN B 182 4.38 -6.65 15.75
N GLU B 183 3.20 -6.69 16.35
CA GLU B 183 3.03 -7.31 17.67
C GLU B 183 2.83 -8.83 17.59
N GLY B 184 2.88 -9.39 16.40
CA GLY B 184 2.71 -10.84 16.24
C GLY B 184 1.25 -11.27 16.26
N ILE B 185 0.35 -10.35 15.95
CA ILE B 185 -1.08 -10.63 15.91
C ILE B 185 -1.55 -10.67 14.45
N SER B 186 -1.98 -11.84 14.02
CA SER B 186 -2.29 -12.11 12.63
C SER B 186 -3.80 -12.25 12.42
N ARG B 187 -4.55 -12.29 13.52
CA ARG B 187 -6.01 -12.36 13.48
C ARG B 187 -6.62 -11.17 14.21
N TYR B 188 -7.33 -10.33 13.47
CA TYR B 188 -7.89 -9.12 14.06
C TYR B 188 -8.90 -8.45 13.16
N LEU B 189 -9.78 -7.69 13.79
CA LEU B 189 -10.64 -6.74 13.10
C LEU B 189 -10.46 -5.42 13.84
N VAL B 190 -9.98 -4.40 13.12
CA VAL B 190 -9.69 -3.11 13.72
C VAL B 190 -10.45 -2.03 12.99
N SER B 191 -10.86 -1.01 13.73
CA SER B 191 -11.60 0.07 13.13
C SER B 191 -11.35 1.38 13.84
N VAL B 192 -11.44 2.45 13.04
CA VAL B 192 -11.37 3.81 13.52
C VAL B 192 -12.45 4.57 12.78
N GLY B 193 -13.39 5.15 13.50
CA GLY B 193 -14.50 5.83 12.86
C GLY B 193 -15.20 4.91 11.90
N GLY B 194 -15.42 5.39 10.68
CA GLY B 194 -16.10 4.61 9.66
C GLY B 194 -15.21 3.68 8.84
N ALA B 195 -13.96 3.53 9.25
CA ALA B 195 -13.00 2.70 8.51
C ALA B 195 -12.65 1.44 9.27
N LEU B 196 -12.54 0.33 8.54
CA LEU B 196 -12.24 -0.98 9.13
C LEU B 196 -11.26 -1.78 8.31
N ASN B 197 -10.46 -2.59 9.02
CA ASN B 197 -9.55 -3.55 8.41
CA ASN B 197 -9.55 -3.56 8.41
C ASN B 197 -9.65 -4.87 9.17
N SER B 198 -9.65 -5.98 8.46
CA SER B 198 -9.64 -7.28 9.13
C SER B 198 -8.68 -8.23 8.45
N ARG B 199 -8.22 -9.21 9.22
CA ARG B 199 -7.39 -10.28 8.67
C ARG B 199 -7.56 -11.54 9.50
N GLY B 200 -7.47 -12.69 8.83
CA GLY B 200 -7.50 -13.96 9.51
C GLY B 200 -8.88 -14.33 10.01
N MET B 201 -8.92 -15.31 10.91
CA MET B 201 -10.19 -15.89 11.35
C MET B 201 -10.65 -15.30 12.68
N ASN B 202 -11.96 -15.14 12.82
CA ASN B 202 -12.53 -14.69 14.08
C ASN B 202 -12.49 -15.81 15.12
N GLY B 203 -13.24 -15.66 16.20
CA GLY B 203 -13.21 -16.62 17.28
C GLY B 203 -13.68 -17.99 16.86
N GLU B 204 -14.65 -18.01 15.95
CA GLU B 204 -15.26 -19.25 15.50
C GLU B 204 -14.58 -19.79 14.24
N GLY B 205 -13.33 -19.40 14.06
CA GLY B 205 -12.51 -19.91 12.96
C GLY B 205 -13.06 -19.57 11.59
N LEU B 206 -13.85 -18.50 11.51
CA LEU B 206 -14.41 -18.03 10.24
C LEU B 206 -13.87 -16.66 9.88
N PRO B 207 -13.85 -16.33 8.57
CA PRO B 207 -13.47 -14.96 8.17
C PRO B 207 -14.36 -13.92 8.84
N TRP B 208 -13.77 -12.87 9.38
CA TRP B 208 -14.51 -11.80 10.02
C TRP B 208 -15.67 -11.34 9.16
N ARG B 209 -16.83 -11.21 9.79
CA ARG B 209 -18.03 -10.75 9.13
C ARG B 209 -18.23 -9.27 9.42
N VAL B 210 -18.50 -8.50 8.38
CA VAL B 210 -18.82 -7.09 8.55
C VAL B 210 -20.19 -6.83 7.94
N ALA B 211 -21.09 -6.34 8.78
CA ALA B 211 -22.46 -6.01 8.35
C ALA B 211 -22.47 -4.66 7.67
N ILE B 212 -23.31 -4.56 6.64
CA ILE B 212 -23.42 -3.34 5.84
C ILE B 212 -24.78 -2.69 6.08
N GLN B 213 -24.84 -1.36 5.98
CA GLN B 213 -26.09 -0.61 6.13
C GLN B 213 -27.20 -1.20 5.24
N LYS B 214 -28.40 -1.28 5.80
CA LYS B 214 -29.52 -1.91 5.12
C LYS B 214 -30.59 -0.89 4.74
N ALA B 224 -27.04 -6.99 4.65
CA ALA B 224 -26.10 -7.92 4.04
C ALA B 224 -24.76 -7.91 4.76
N VAL B 225 -23.94 -8.91 4.48
CA VAL B 225 -22.68 -9.12 5.18
C VAL B 225 -21.55 -9.40 4.20
N VAL B 226 -20.38 -8.82 4.47
CA VAL B 226 -19.22 -9.05 3.63
C VAL B 226 -18.05 -9.62 4.42
N ASP B 227 -17.15 -10.27 3.70
CA ASP B 227 -15.86 -10.70 4.22
C ASP B 227 -14.79 -9.89 3.51
N ILE B 228 -14.14 -9.00 4.24
CA ILE B 228 -13.18 -8.09 3.65
C ILE B 228 -11.77 -8.33 4.18
N ASN B 229 -11.51 -9.54 4.67
CA ASN B 229 -10.15 -9.94 5.04
C ASN B 229 -9.16 -9.55 3.97
N GLY B 230 -8.06 -8.94 4.40
CA GLY B 230 -7.02 -8.53 3.50
C GLY B 230 -7.31 -7.20 2.82
N HIS B 231 -8.43 -6.58 3.19
CA HIS B 231 -8.83 -5.31 2.60
C HIS B 231 -9.25 -4.31 3.67
N GLY B 232 -9.46 -3.07 3.24
CA GLY B 232 -10.07 -2.06 4.08
C GLY B 232 -11.46 -1.73 3.55
N ILE B 233 -12.30 -1.26 4.45
CA ILE B 233 -13.65 -0.85 4.09
C ILE B 233 -13.97 0.45 4.81
N SER B 234 -14.66 1.34 4.10
CA SER B 234 -15.04 2.64 4.65
C SER B 234 -16.50 2.90 4.32
N THR B 235 -17.21 3.47 5.30
CA THR B 235 -18.61 3.82 5.14
C THR B 235 -18.82 5.29 5.40
N SER B 236 -19.61 5.93 4.53
CA SER B 236 -19.86 7.36 4.64
C SER B 236 -20.56 7.72 5.95
N GLY B 237 -20.59 9.00 6.25
CA GLY B 237 -21.26 9.51 7.42
C GLY B 237 -20.33 10.33 8.27
N SER B 238 -20.89 10.98 9.27
CA SER B 238 -20.12 11.81 10.20
C SER B 238 -19.82 10.99 11.45
N TYR B 239 -18.55 10.94 11.83
CA TYR B 239 -18.11 10.12 12.94
C TYR B 239 -17.46 10.94 14.05
N ARG B 240 -17.02 12.15 13.74
CA ARG B 240 -16.27 12.95 14.70
C ARG B 240 -17.20 13.84 15.51
N ASN B 241 -16.79 14.16 16.75
CA ASN B 241 -17.54 15.09 17.57
C ASN B 241 -16.70 15.63 18.71
N HIS B 252 -20.41 19.85 7.07
CA HIS B 252 -19.40 18.80 6.96
C HIS B 252 -18.78 18.74 5.56
N VAL B 253 -19.40 17.99 4.66
CA VAL B 253 -18.81 17.68 3.37
C VAL B 253 -19.23 18.72 2.33
N ILE B 254 -18.25 19.15 1.53
CA ILE B 254 -18.45 20.22 0.57
C ILE B 254 -18.07 19.78 -0.83
N ASP B 255 -18.87 20.18 -1.83
CA ASP B 255 -18.52 19.95 -3.22
C ASP B 255 -17.50 21.01 -3.68
N PRO B 256 -16.24 20.59 -3.96
CA PRO B 256 -15.22 21.60 -4.30
C PRO B 256 -15.56 22.43 -5.53
N GLN B 257 -16.32 21.86 -6.46
CA GLN B 257 -16.67 22.56 -7.70
C GLN B 257 -17.62 23.73 -7.39
N THR B 258 -18.65 23.44 -6.62
CA THR B 258 -19.67 24.45 -6.32
C THR B 258 -19.30 25.27 -5.09
N GLY B 259 -18.49 24.69 -4.21
CA GLY B 259 -18.12 25.35 -2.98
C GLY B 259 -19.27 25.36 -2.00
N ARG B 260 -20.21 24.44 -2.20
CA ARG B 260 -21.40 24.30 -1.36
C ARG B 260 -21.50 22.90 -0.77
N PRO B 261 -22.24 22.77 0.35
CA PRO B 261 -22.56 21.45 0.92
C PRO B 261 -23.18 20.55 -0.13
N ILE B 262 -22.97 19.24 -0.04
CA ILE B 262 -23.43 18.32 -1.07
C ILE B 262 -24.94 18.06 -1.01
N GLU B 263 -25.50 17.69 -2.16
CA GLU B 263 -26.93 17.44 -2.31
C GLU B 263 -27.21 15.96 -2.61
N HIS B 264 -27.80 15.70 -3.78
CA HIS B 264 -28.17 14.38 -4.29
C HIS B 264 -28.83 13.39 -3.32
N ASN B 265 -29.38 12.34 -3.90
CA ASN B 265 -30.11 11.35 -3.12
C ASN B 265 -29.20 10.26 -2.57
N LEU B 266 -27.91 10.36 -2.85
CA LEU B 266 -26.95 9.39 -2.35
C LEU B 266 -26.78 9.56 -0.84
N VAL B 267 -27.46 8.69 -0.08
CA VAL B 267 -27.50 8.83 1.37
C VAL B 267 -26.38 8.04 2.05
N SER B 268 -25.85 7.04 1.36
CA SER B 268 -24.76 6.23 1.91
C SER B 268 -23.93 5.58 0.82
N VAL B 269 -22.60 5.57 1.02
CA VAL B 269 -21.68 4.85 0.14
C VAL B 269 -20.67 4.08 0.97
N THR B 270 -20.44 2.84 0.57
CA THR B 270 -19.48 1.94 1.19
C THR B 270 -18.50 1.50 0.13
N VAL B 271 -17.21 1.65 0.41
CA VAL B 271 -16.16 1.24 -0.51
C VAL B 271 -15.26 0.20 0.13
N ILE B 272 -15.00 -0.87 -0.61
CA ILE B 272 -14.00 -1.87 -0.25
C ILE B 272 -12.81 -1.65 -1.15
N ALA B 273 -11.62 -1.57 -0.56
CA ALA B 273 -10.40 -1.27 -1.31
C ALA B 273 -9.21 -1.98 -0.66
N PRO B 274 -8.05 -1.98 -1.33
CA PRO B 274 -6.91 -2.71 -0.75
C PRO B 274 -6.49 -2.20 0.64
N THR B 275 -6.71 -0.91 0.89
CA THR B 275 -6.45 -0.31 2.19
C THR B 275 -7.63 0.55 2.62
N ALA B 276 -7.76 0.78 3.93
CA ALA B 276 -8.81 1.64 4.45
C ALA B 276 -8.56 3.11 4.12
N LEU B 277 -7.29 3.50 4.04
CA LEU B 277 -6.97 4.84 3.55
C LEU B 277 -7.58 5.06 2.17
N GLU B 278 -7.32 4.15 1.24
CA GLU B 278 -7.89 4.25 -0.10
C GLU B 278 -9.41 4.23 -0.08
N ALA B 279 -9.98 3.32 0.72
CA ALA B 279 -11.43 3.23 0.82
C ALA B 279 -12.03 4.53 1.32
N ASP B 280 -11.41 5.15 2.33
CA ASP B 280 -11.84 6.45 2.86
C ASP B 280 -11.84 7.53 1.80
N ALA B 281 -10.78 7.57 1.00
CA ALA B 281 -10.62 8.60 -0.02
C ALA B 281 -11.66 8.43 -1.13
N TRP B 282 -11.79 7.21 -1.65
CA TRP B 282 -12.82 6.92 -2.66
C TRP B 282 -14.20 7.27 -2.11
N ASP B 283 -14.46 6.85 -0.89
CA ASP B 283 -15.76 7.01 -0.27
C ASP B 283 -16.20 8.47 -0.29
N THR B 284 -15.33 9.35 0.16
CA THR B 284 -15.63 10.78 0.20
C THR B 284 -15.83 11.31 -1.22
N GLY B 285 -14.90 10.98 -2.11
CA GLY B 285 -15.00 11.40 -3.50
C GLY B 285 -16.32 10.99 -4.15
N LEU B 286 -16.71 9.74 -3.96
CA LEU B 286 -17.93 9.23 -4.57
C LEU B 286 -19.17 9.88 -3.96
N MET B 287 -19.13 10.09 -2.64
CA MET B 287 -20.22 10.72 -1.91
C MET B 287 -20.46 12.12 -2.44
N VAL B 288 -19.39 12.82 -2.77
CA VAL B 288 -19.48 14.17 -3.32
C VAL B 288 -20.03 14.15 -4.74
N LEU B 289 -19.60 13.19 -5.55
CA LEU B 289 -19.98 13.16 -6.96
C LEU B 289 -21.47 12.88 -7.16
N GLY B 290 -22.09 12.15 -6.23
CA GLY B 290 -23.48 11.77 -6.37
C GLY B 290 -23.62 10.51 -7.21
N PRO B 291 -24.82 9.91 -7.24
CA PRO B 291 -25.06 8.59 -7.80
C PRO B 291 -24.54 8.40 -9.23
N GLU B 292 -24.92 9.29 -10.14
CA GLU B 292 -24.62 9.09 -11.55
C GLU B 292 -23.12 9.13 -11.84
N LYS B 293 -22.46 10.19 -11.40
CA LYS B 293 -21.02 10.32 -11.66
C LYS B 293 -20.22 9.28 -10.87
N ALA B 294 -20.68 8.96 -9.68
CA ALA B 294 -20.00 7.97 -8.84
C ALA B 294 -19.92 6.63 -9.57
N LYS B 295 -21.03 6.21 -10.17
CA LYS B 295 -21.08 4.93 -10.87
C LYS B 295 -20.12 4.92 -12.04
N GLU B 296 -20.01 6.04 -12.74
CA GLU B 296 -19.05 6.17 -13.85
C GLU B 296 -17.61 5.97 -13.38
N VAL B 297 -17.25 6.56 -12.24
CA VAL B 297 -15.90 6.38 -11.70
C VAL B 297 -15.73 4.94 -11.22
N VAL B 298 -16.75 4.43 -10.54
CA VAL B 298 -16.72 3.06 -10.04
C VAL B 298 -16.47 2.07 -11.17
N ARG B 299 -17.18 2.26 -12.27
CA ARG B 299 -17.04 1.39 -13.43
C ARG B 299 -15.64 1.52 -14.03
N ARG B 300 -15.20 2.75 -14.25
CA ARG B 300 -13.91 2.99 -14.87
C ARG B 300 -12.74 2.46 -14.03
N GLU B 301 -12.85 2.60 -12.71
CA GLU B 301 -11.76 2.24 -11.82
C GLU B 301 -11.90 0.82 -11.31
N GLY B 302 -13.04 0.19 -11.60
CA GLY B 302 -13.25 -1.19 -11.18
C GLY B 302 -13.34 -1.31 -9.68
N LEU B 303 -14.00 -0.33 -9.05
CA LEU B 303 -14.09 -0.27 -7.60
C LEU B 303 -15.20 -1.16 -7.04
N ALA B 304 -14.98 -1.63 -5.81
CA ALA B 304 -15.96 -2.40 -5.05
C ALA B 304 -16.79 -1.45 -4.19
N VAL B 305 -17.98 -1.13 -4.67
CA VAL B 305 -18.78 -0.10 -4.02
C VAL B 305 -20.23 -0.54 -3.86
N TYR B 306 -20.82 -0.06 -2.78
CA TYR B 306 -22.22 -0.26 -2.47
C TYR B 306 -22.83 1.09 -2.12
N MET B 307 -23.91 1.45 -2.82
CA MET B 307 -24.57 2.73 -2.65
C MET B 307 -26.03 2.54 -2.26
N ILE B 308 -26.49 3.34 -1.31
CA ILE B 308 -27.91 3.50 -1.01
C ILE B 308 -28.35 4.89 -1.47
N THR B 309 -29.38 4.94 -2.31
CA THR B 309 -29.91 6.18 -2.86
C THR B 309 -31.39 6.30 -2.52
N LYS B 310 -31.87 7.54 -2.35
CA LYS B 310 -33.29 7.76 -2.05
C LYS B 310 -34.10 8.03 -3.31
N GLU B 311 -35.18 7.27 -3.47
CA GLU B 311 -36.11 7.47 -4.58
C GLU B 311 -37.50 7.77 -4.02
N GLY B 312 -37.80 9.05 -3.86
CA GLY B 312 -39.06 9.46 -3.28
C GLY B 312 -39.22 8.98 -1.86
N ASP B 313 -40.26 8.19 -1.63
CA ASP B 313 -40.58 7.71 -0.29
C ASP B 313 -39.50 6.76 0.25
N SER B 314 -39.14 5.77 -0.57
CA SER B 314 -38.24 4.70 -0.13
C SER B 314 -36.82 4.87 -0.65
N PHE B 315 -36.06 3.79 -0.60
CA PHE B 315 -34.64 3.79 -0.99
C PHE B 315 -34.36 2.67 -1.97
N LYS B 316 -33.34 2.85 -2.80
CA LYS B 316 -32.85 1.78 -3.65
C LYS B 316 -31.35 1.59 -3.41
N THR B 317 -30.86 0.42 -3.79
CA THR B 317 -29.47 0.05 -3.54
C THR B 317 -28.80 -0.38 -4.83
N TRP B 318 -27.48 -0.26 -4.84
CA TRP B 318 -26.68 -0.61 -6.00
C TRP B 318 -25.31 -1.11 -5.56
N MET B 319 -24.88 -2.22 -6.13
CA MET B 319 -23.58 -2.81 -5.85
C MET B 319 -22.84 -3.05 -7.14
N SER B 320 -21.57 -2.67 -7.19
CA SER B 320 -20.74 -3.01 -8.32
C SER B 320 -20.49 -4.52 -8.30
N PRO B 321 -20.15 -5.09 -9.46
CA PRO B 321 -19.81 -6.52 -9.49
C PRO B 321 -18.68 -6.84 -8.50
N GLN B 322 -17.69 -5.96 -8.42
CA GLN B 322 -16.55 -6.20 -7.54
C GLN B 322 -16.98 -6.24 -6.07
N PHE B 323 -18.00 -5.47 -5.70
CA PHE B 323 -18.48 -5.47 -4.32
C PHE B 323 -19.15 -6.80 -3.97
N LYS B 324 -19.93 -7.32 -4.90
CA LYS B 324 -20.69 -8.54 -4.67
C LYS B 324 -19.78 -9.74 -4.40
N SER B 325 -18.55 -9.68 -4.89
CA SER B 325 -17.61 -10.77 -4.70
C SER B 325 -17.18 -10.89 -3.24
N PHE B 326 -17.45 -9.87 -2.44
CA PHE B 326 -17.08 -9.88 -1.04
C PHE B 326 -18.21 -10.34 -0.13
N LEU B 327 -19.41 -10.49 -0.70
CA LEU B 327 -20.57 -10.90 0.08
C LEU B 327 -20.45 -12.33 0.61
N VAL B 328 -20.93 -12.53 1.84
CA VAL B 328 -21.00 -13.86 2.44
C VAL B 328 -22.44 -14.36 2.34
N SER B 329 -22.60 -15.63 1.99
CA SER B 329 -23.93 -16.23 1.89
C SER B 329 -24.42 -16.71 3.24
#